data_2JKS
#
_entry.id   2JKS
#
_cell.length_a   92.050
_cell.length_b   92.050
_cell.length_c   98.310
_cell.angle_alpha   90.00
_cell.angle_beta   90.00
_cell.angle_gamma   90.00
#
_symmetry.space_group_name_H-M   'P 41 21 2'
#
loop_
_entity.id
_entity.type
_entity.pdbx_description
1 polymer 'BRADYZOITE SURFACE ANTIGEN BSR4'
2 non-polymer 'ZINC ION'
3 water water
#
_entity_poly.entity_id   1
_entity_poly.type   'polypeptide(L)'
_entity_poly.pdbx_seq_one_letter_code
;VEVTSRLTVAGSDAKCDFFTPATQDSPPVSGSLTLSKGRMTATFECSATQALSISTIPTNIEQNVCDPKKTTNGTVCQFG
ANGSAGTEVTLKDLLETDRIVNWKVNEQREESNKSQKWSLELHNEDLPLTDKAFVVGCQATSAARGTESGKTAACKLTVN
VEARASSLAENNVVTCAYGKGSNPNPVEVEMSTEKNTLTINCGSDGSLQPTTYAEEYCVADSKDVNRCSTTRFVEIFPKF
LKSWWVTETQKRTSATLTIPQTDLPEADQQFLVGCVPKKTAPEDPKKDKESGTETAAPTSCTVLVTVKAHHHHHH
;
_entity_poly.pdbx_strand_id   A
#
# COMPACT_ATOMS: atom_id res chain seq x y z
N THR A 4 22.23 14.86 24.57
CA THR A 4 20.77 15.05 24.86
C THR A 4 19.94 15.16 23.55
N SER A 5 18.84 14.41 23.50
CA SER A 5 17.94 14.36 22.36
C SER A 5 16.48 14.54 22.83
N ARG A 6 15.68 15.17 21.98
CA ARG A 6 14.28 15.33 22.29
C ARG A 6 13.48 15.21 20.98
N LEU A 7 12.44 14.38 20.99
CA LEU A 7 11.52 14.19 19.89
C LEU A 7 10.11 14.72 20.26
N THR A 8 9.57 15.56 19.38
CA THR A 8 8.18 15.98 19.50
C THR A 8 7.38 15.53 18.25
N VAL A 9 6.19 15.00 18.45
CA VAL A 9 5.25 14.62 17.38
C VAL A 9 3.83 15.17 17.65
N ALA A 10 3.24 15.85 16.65
CA ALA A 10 1.85 16.29 16.71
C ALA A 10 1.33 16.09 15.30
N GLY A 11 0.29 15.27 15.17
CA GLY A 11 -0.25 14.84 13.86
C GLY A 11 0.83 14.15 13.03
N SER A 12 1.10 14.66 11.83
CA SER A 12 2.20 14.05 11.09
C SER A 12 3.43 14.94 10.97
N ASP A 13 3.67 15.76 12.02
CA ASP A 13 4.86 16.60 12.03
C ASP A 13 5.70 16.15 13.23
N ALA A 14 6.98 15.85 12.97
CA ALA A 14 7.96 15.47 13.99
C ALA A 14 9.16 16.40 14.04
N LYS A 15 9.63 16.65 15.24
CA LYS A 15 10.72 17.61 15.45
C LYS A 15 11.75 16.94 16.41
N CYS A 16 13.02 16.83 16.02
CA CYS A 16 14.09 16.40 16.93
C CYS A 16 15.03 17.57 17.29
N ASP A 17 15.28 17.73 18.57
CA ASP A 17 16.01 18.85 19.17
C ASP A 17 17.21 18.28 19.96
N PHE A 18 18.41 18.77 19.71
CA PHE A 18 19.59 18.28 20.42
C PHE A 18 20.27 19.47 21.11
N PRO A 21 25.43 17.77 25.74
CA PRO A 21 25.19 18.36 27.09
C PRO A 21 24.38 17.39 27.99
N ALA A 22 24.64 16.09 27.83
CA ALA A 22 23.89 14.97 28.42
C ALA A 22 24.57 14.40 29.67
N THR A 23 23.80 13.80 30.58
CA THR A 23 24.38 13.15 31.77
C THR A 23 25.24 11.97 31.43
N GLN A 24 24.63 10.95 30.84
CA GLN A 24 25.35 9.96 30.09
C GLN A 24 25.01 9.94 28.60
N ASP A 25 25.36 8.86 27.93
CA ASP A 25 24.80 8.58 26.62
C ASP A 25 23.44 7.91 26.64
N SER A 26 22.83 7.82 25.48
CA SER A 26 21.44 7.40 25.34
C SER A 26 21.07 6.79 24.00
N PRO A 27 20.19 5.78 24.02
CA PRO A 27 19.61 5.24 22.79
C PRO A 27 18.83 6.33 22.02
N PRO A 28 18.48 6.06 20.75
CA PRO A 28 17.69 7.04 20.00
C PRO A 28 16.36 7.30 20.70
N VAL A 29 15.98 8.56 20.84
CA VAL A 29 14.62 8.85 21.22
C VAL A 29 13.65 8.49 20.03
N SER A 30 12.66 7.65 20.30
CA SER A 30 11.87 7.02 19.26
C SER A 30 10.39 7.43 19.29
N GLY A 31 9.80 7.63 18.12
CA GLY A 31 8.40 7.97 18.04
C GLY A 31 7.94 7.58 16.66
N SER A 32 6.64 7.73 16.40
CA SER A 32 6.03 7.23 15.15
C SER A 32 5.07 8.23 14.67
N LEU A 33 4.75 8.17 13.37
CA LEU A 33 3.52 8.81 12.88
C LEU A 33 3.01 7.99 11.69
N THR A 34 1.77 8.21 11.28
CA THR A 34 1.16 7.40 10.22
C THR A 34 0.69 8.28 9.09
N LEU A 35 1.04 7.90 7.85
CA LEU A 35 0.45 8.55 6.67
C LEU A 35 -0.63 7.66 6.08
N SER A 36 -1.68 8.31 5.55
CA SER A 36 -2.80 7.62 4.93
C SER A 36 -3.64 8.62 4.13
N LYS A 37 -4.63 8.10 3.39
CA LYS A 37 -5.64 8.95 2.74
C LYS A 37 -6.10 10.03 3.70
N GLY A 38 -5.96 11.28 3.27
CA GLY A 38 -6.40 12.39 4.16
C GLY A 38 -5.30 12.93 5.08
N ARG A 39 -4.17 12.21 5.18
CA ARG A 39 -3.04 12.66 5.96
C ARG A 39 -1.83 12.21 5.23
N MET A 40 -1.52 12.91 4.16
CA MET A 40 -0.64 12.45 3.14
C MET A 40 0.74 13.11 3.21
N THR A 41 0.89 14.08 4.10
CA THR A 41 2.13 14.82 4.20
C THR A 41 2.77 14.71 5.57
N ALA A 42 4.01 14.23 5.60
CA ALA A 42 4.79 14.21 6.83
C ALA A 42 5.86 15.35 6.82
N THR A 43 6.16 15.92 8.00
CA THR A 43 7.32 16.79 8.08
C THR A 43 8.26 16.35 9.16
N PHE A 44 9.56 16.55 8.94
CA PHE A 44 10.62 16.13 9.85
C PHE A 44 11.61 17.27 9.97
N GLU A 45 11.85 17.71 11.20
CA GLU A 45 12.81 18.79 11.44
C GLU A 45 13.85 18.37 12.47
N CYS A 46 15.11 18.76 12.23
CA CYS A 46 16.18 18.49 13.19
C CYS A 46 17.00 19.72 13.46
N SER A 47 17.09 20.10 14.73
CA SER A 47 17.80 21.31 15.09
C SER A 47 18.71 21.07 16.28
N ALA A 48 19.78 21.84 16.34
CA ALA A 48 20.77 21.63 17.38
C ALA A 48 21.38 22.97 17.73
N THR A 49 22.02 22.98 18.90
CA THR A 49 22.77 24.15 19.38
C THR A 49 24.06 24.27 18.55
N GLN A 50 24.66 25.46 18.53
CA GLN A 50 25.74 25.80 17.58
C GLN A 50 26.96 24.85 17.49
N ALA A 51 27.33 24.15 18.56
CA ALA A 51 28.53 23.27 18.53
C ALA A 51 28.33 21.84 17.95
N LEU A 52 27.07 21.48 17.65
CA LEU A 52 26.76 20.12 17.19
C LEU A 52 26.56 20.05 15.69
N SER A 53 27.16 19.05 15.03
CA SER A 53 26.81 18.76 13.66
C SER A 53 25.72 17.68 13.60
N ILE A 54 24.71 17.90 12.78
CA ILE A 54 23.59 16.96 12.62
C ILE A 54 23.79 16.25 11.28
N SER A 55 23.58 14.94 11.28
CA SER A 55 23.45 14.19 10.04
C SER A 55 22.10 13.48 10.07
N THR A 56 21.67 12.95 8.93
CA THR A 56 20.47 12.14 8.89
C THR A 56 20.79 10.66 8.78
N ILE A 57 19.75 9.84 9.00
CA ILE A 57 19.77 8.40 8.77
C ILE A 57 18.53 8.09 7.91
N PRO A 58 18.72 7.60 6.69
CA PRO A 58 20.01 7.39 6.03
C PRO A 58 20.72 8.72 5.78
N THR A 59 21.97 8.66 5.33
CA THR A 59 22.83 9.84 5.18
C THR A 59 22.22 10.81 4.19
N ASN A 60 21.56 10.28 3.15
CA ASN A 60 20.82 11.16 2.25
C ASN A 60 19.32 10.86 2.25
N ILE A 61 18.59 11.55 3.13
CA ILE A 61 17.13 11.39 3.30
C ILE A 61 16.35 11.76 2.01
N GLU A 62 16.98 12.57 1.17
CA GLU A 62 16.36 13.00 -0.08
C GLU A 62 16.40 11.93 -1.17
N GLN A 63 17.11 10.84 -0.88
CA GLN A 63 17.24 9.73 -1.80
C GLN A 63 16.74 8.43 -1.21
N ASN A 64 16.99 8.23 0.08
CA ASN A 64 16.73 6.95 0.70
C ASN A 64 15.95 7.08 2.02
N VAL A 65 15.28 5.99 2.41
CA VAL A 65 14.77 5.79 3.78
C VAL A 65 15.30 4.43 4.29
N CYS A 66 15.08 4.12 5.56
CA CYS A 66 15.45 2.82 6.10
C CYS A 66 14.28 1.86 6.13
N ASP A 67 14.52 0.64 5.68
CA ASP A 67 13.53 -0.45 5.82
C ASP A 67 13.96 -1.33 7.01
N PRO A 68 13.27 -1.25 8.15
CA PRO A 68 13.78 -2.10 9.22
C PRO A 68 13.67 -3.61 8.96
N LYS A 69 12.98 -4.00 7.89
CA LYS A 69 12.74 -5.42 7.59
C LYS A 69 13.86 -5.98 6.73
N LYS A 70 14.51 -5.11 5.97
CA LYS A 70 15.61 -5.49 5.09
C LYS A 70 16.94 -5.35 5.86
N THR A 71 17.34 -6.45 6.51
CA THR A 71 18.51 -6.47 7.41
C THR A 71 19.72 -7.15 6.73
N THR A 72 19.45 -8.23 6.01
CA THR A 72 20.41 -8.78 5.05
C THR A 72 20.10 -7.97 3.78
N ASN A 73 21.14 -7.47 3.11
CA ASN A 73 21.02 -6.08 2.68
C ASN A 73 21.71 -5.50 1.44
N GLY A 74 21.61 -4.17 1.39
CA GLY A 74 22.66 -3.25 0.95
C GLY A 74 23.10 -2.46 2.20
N THR A 75 23.18 -1.14 2.09
CA THR A 75 23.84 -0.35 3.16
C THR A 75 23.02 -0.07 4.45
N VAL A 76 23.58 -0.51 5.57
CA VAL A 76 22.92 -0.51 6.89
C VAL A 76 22.66 0.88 7.48
N CYS A 77 21.47 1.04 8.07
CA CYS A 77 21.09 2.26 8.75
C CYS A 77 21.55 2.26 10.21
N GLN A 78 22.59 3.05 10.48
CA GLN A 78 23.28 3.05 11.78
C GLN A 78 22.77 4.14 12.74
N PHE A 79 22.43 3.77 13.96
CA PHE A 79 22.09 4.70 15.04
C PHE A 79 23.10 4.51 16.20
N GLY A 80 23.87 5.54 16.50
CA GLY A 80 24.93 5.40 17.50
C GLY A 80 26.02 4.48 16.99
N ALA A 81 26.80 3.94 17.93
CA ALA A 81 27.86 2.98 17.59
C ALA A 81 27.34 1.54 17.44
N ASN A 82 26.16 1.29 17.99
CA ASN A 82 25.65 -0.05 18.18
C ASN A 82 24.39 -0.34 17.37
N GLY A 83 23.58 0.71 17.19
CA GLY A 83 22.20 0.56 16.73
C GLY A 83 22.01 0.46 15.22
N SER A 84 20.90 -0.14 14.85
CA SER A 84 20.61 -0.51 13.48
C SER A 84 19.09 -0.38 13.28
N ALA A 85 18.68 0.05 12.08
CA ALA A 85 17.27 0.03 11.72
C ALA A 85 17.10 -0.45 10.28
N GLY A 86 17.64 -1.62 10.04
CA GLY A 86 17.59 -2.23 8.74
C GLY A 86 18.50 -1.58 7.71
N THR A 87 17.97 -1.42 6.51
CA THR A 87 18.79 -1.04 5.37
C THR A 87 18.17 0.07 4.54
N GLU A 88 19.03 0.79 3.82
CA GLU A 88 18.63 1.81 2.85
C GLU A 88 17.84 1.27 1.65
N VAL A 89 16.66 1.81 1.43
CA VAL A 89 15.83 1.53 0.25
C VAL A 89 15.34 2.87 -0.30
N THR A 90 14.87 2.91 -1.56
CA THR A 90 14.21 4.13 -2.01
C THR A 90 12.72 4.00 -1.60
N LEU A 91 12.01 5.13 -1.54
CA LEU A 91 10.58 5.05 -1.15
C LEU A 91 9.77 4.34 -2.22
N LYS A 92 10.07 4.66 -3.47
CA LYS A 92 9.36 4.02 -4.58
C LYS A 92 9.50 2.51 -4.53
N ASP A 93 10.67 2.03 -4.09
CA ASP A 93 10.89 0.59 -3.92
C ASP A 93 10.18 0.01 -2.71
N LEU A 94 10.23 0.69 -1.56
CA LEU A 94 9.50 0.24 -0.36
C LEU A 94 8.00 0.23 -0.64
N LEU A 95 7.51 1.25 -1.34
CA LEU A 95 6.07 1.41 -1.57
C LEU A 95 5.57 0.56 -2.73
N GLU A 96 6.55 0.08 -3.51
CA GLU A 96 6.29 -0.72 -4.72
C GLU A 96 5.43 0.02 -5.70
N THR A 97 5.73 1.29 -5.93
CA THR A 97 4.93 2.16 -6.76
C THR A 97 5.75 2.71 -7.91
N ASP A 98 5.11 3.38 -8.87
CA ASP A 98 5.73 3.76 -10.17
C ASP A 98 6.41 5.11 -10.17
N ARG A 99 5.92 6.01 -9.32
CA ARG A 99 6.39 7.39 -9.31
C ARG A 99 7.58 7.50 -8.35
N ILE A 100 8.60 8.25 -8.74
CA ILE A 100 9.72 8.57 -7.84
C ILE A 100 9.18 9.41 -6.69
N VAL A 101 9.38 9.00 -5.43
CA VAL A 101 8.91 9.78 -4.27
C VAL A 101 10.04 9.93 -3.28
N ASN A 102 10.32 11.14 -2.81
CA ASN A 102 11.43 11.32 -1.88
C ASN A 102 11.03 12.38 -0.91
N TRP A 103 11.65 12.34 0.26
CA TRP A 103 11.61 13.46 1.19
C TRP A 103 12.29 14.62 0.49
N LYS A 104 11.80 15.83 0.75
CA LYS A 104 12.31 17.03 0.11
C LYS A 104 12.79 17.98 1.17
N VAL A 105 14.02 18.44 1.02
CA VAL A 105 14.51 19.50 1.89
C VAL A 105 13.71 20.82 1.71
N ASN A 106 13.42 21.49 2.82
CA ASN A 106 12.78 22.76 2.74
C ASN A 106 13.89 23.82 2.54
N GLU A 107 13.78 24.53 1.44
CA GLU A 107 14.75 25.57 1.10
C GLU A 107 14.14 26.96 1.27
N GLN A 108 14.86 27.78 2.04
CA GLN A 108 14.34 28.94 2.79
C GLN A 108 14.98 28.80 4.16
N SER A 115 19.17 23.93 11.47
CA SER A 115 17.77 23.56 11.70
C SER A 115 17.07 23.09 10.45
N GLN A 116 17.52 21.95 9.94
CA GLN A 116 17.03 21.43 8.71
C GLN A 116 15.65 20.83 8.84
N LYS A 117 14.86 20.97 7.77
CA LYS A 117 13.54 20.43 7.76
C LYS A 117 13.27 19.81 6.37
N TRP A 118 12.49 18.73 6.38
CA TRP A 118 12.15 17.92 5.22
C TRP A 118 10.65 17.64 5.24
N SER A 119 10.09 17.46 4.04
CA SER A 119 8.66 17.21 3.81
C SER A 119 8.55 15.98 2.93
N LEU A 120 7.60 15.09 3.22
CA LEU A 120 7.29 13.95 2.35
C LEU A 120 5.82 14.05 2.05
N GLU A 121 5.48 14.26 0.78
CA GLU A 121 4.07 14.38 0.40
C GLU A 121 3.70 13.17 -0.47
N LEU A 122 2.88 12.26 0.05
CA LEU A 122 2.39 11.23 -0.83
C LEU A 122 1.19 11.71 -1.63
N HIS A 123 1.04 11.16 -2.84
CA HIS A 123 -0.12 11.37 -3.71
C HIS A 123 -0.93 10.05 -3.66
N ASN A 124 -2.18 10.08 -4.11
CA ASN A 124 -3.03 8.88 -3.94
C ASN A 124 -2.42 7.68 -4.64
N GLU A 125 -1.82 7.95 -5.78
CA GLU A 125 -1.19 6.91 -6.58
C GLU A 125 0.05 6.31 -5.90
N ASP A 126 0.55 6.99 -4.85
CA ASP A 126 1.73 6.49 -4.13
C ASP A 126 1.34 5.51 -3.04
N LEU A 127 0.06 5.48 -2.70
CA LEU A 127 -0.39 4.63 -1.55
C LEU A 127 -0.22 3.16 -1.92
N PRO A 128 0.47 2.35 -1.06
CA PRO A 128 0.84 0.96 -1.39
C PRO A 128 -0.37 0.01 -1.36
N LEU A 129 -0.23 -1.18 -1.92
CA LEU A 129 -1.25 -2.26 -1.80
C LEU A 129 -1.23 -2.98 -0.48
N THR A 130 -0.12 -2.82 0.25
CA THR A 130 0.04 -3.44 1.54
C THR A 130 0.57 -2.38 2.52
N ASP A 131 0.35 -2.61 3.81
CA ASP A 131 0.82 -1.67 4.85
C ASP A 131 2.34 -1.62 4.89
N LYS A 132 2.92 -0.41 4.91
CA LYS A 132 4.35 -0.24 4.93
C LYS A 132 4.81 0.59 6.12
N ALA A 133 6.08 0.43 6.46
CA ALA A 133 6.76 1.27 7.45
C ALA A 133 8.19 1.54 7.00
N PHE A 134 8.69 2.73 7.34
CA PHE A 134 10.11 3.02 7.16
C PHE A 134 10.56 3.84 8.34
N VAL A 135 11.87 4.09 8.38
CA VAL A 135 12.54 4.79 9.49
C VAL A 135 13.48 5.86 8.85
N VAL A 136 13.47 7.03 9.46
CA VAL A 136 14.42 8.10 9.19
C VAL A 136 14.82 8.61 10.60
N GLY A 137 15.87 9.40 10.68
CA GLY A 137 16.33 9.86 11.97
C GLY A 137 17.32 10.98 11.82
N CYS A 138 17.71 11.59 12.94
CA CYS A 138 18.83 12.53 12.94
C CYS A 138 19.77 12.12 14.04
N GLN A 139 21.06 12.38 13.85
CA GLN A 139 22.07 12.11 14.89
C GLN A 139 22.94 13.37 14.99
N ALA A 140 23.22 13.76 16.24
CA ALA A 140 23.95 14.95 16.53
C ALA A 140 25.24 14.45 17.16
N THR A 141 26.37 14.97 16.70
CA THR A 141 27.66 14.56 17.21
C THR A 141 28.36 15.76 17.86
N SER A 142 28.90 15.52 19.07
CA SER A 142 29.66 16.53 19.83
C SER A 142 31.08 16.62 19.31
N ALA A 143 31.69 17.80 19.39
CA ALA A 143 33.11 17.93 19.08
C ALA A 143 33.93 17.69 20.35
N SER A 149 37.20 11.43 20.74
CA SER A 149 36.30 10.87 19.73
C SER A 149 34.85 11.05 20.16
N GLY A 150 34.11 11.86 19.38
CA GLY A 150 32.85 12.52 19.80
C GLY A 150 31.62 11.68 20.18
N LYS A 151 30.78 12.26 21.02
CA LYS A 151 29.59 11.62 21.59
C LYS A 151 28.37 11.91 20.70
N THR A 152 27.48 10.92 20.57
CA THR A 152 26.27 11.15 19.79
C THR A 152 24.96 11.04 20.60
N ALA A 153 23.90 11.68 20.08
CA ALA A 153 22.55 11.35 20.45
C ALA A 153 21.79 11.30 19.12
N ALA A 154 20.65 10.64 19.13
CA ALA A 154 19.84 10.50 17.91
C ALA A 154 18.35 10.51 18.21
N CYS A 155 17.54 10.81 17.19
CA CYS A 155 16.09 10.58 17.21
C CYS A 155 15.81 9.57 16.15
N LYS A 156 14.90 8.67 16.47
CA LYS A 156 14.42 7.78 15.44
C LYS A 156 12.90 7.92 15.15
N LEU A 157 12.53 8.08 13.88
CA LEU A 157 11.13 8.24 13.51
C LEU A 157 10.68 7.08 12.66
N THR A 158 9.68 6.33 13.14
CA THR A 158 9.03 5.34 12.32
C THR A 158 7.81 5.96 11.61
N VAL A 159 7.76 5.87 10.28
CA VAL A 159 6.58 6.33 9.55
C VAL A 159 5.89 5.10 8.97
N ASN A 160 4.65 4.90 9.40
CA ASN A 160 3.76 3.86 8.91
C ASN A 160 2.98 4.49 7.78
N VAL A 161 2.86 3.78 6.66
CA VAL A 161 2.06 4.23 5.54
C VAL A 161 0.97 3.17 5.34
N GLU A 162 -0.28 3.57 5.53
CA GLU A 162 -1.40 2.64 5.40
C GLU A 162 -1.69 2.40 3.93
N ALA A 163 -1.99 1.15 3.58
CA ALA A 163 -2.37 0.76 2.24
C ALA A 163 -3.59 1.55 1.74
N ARG A 164 -3.65 1.82 0.45
CA ARG A 164 -4.88 2.34 -0.15
C ARG A 164 -6.03 1.36 0.09
N ALA A 165 -7.24 1.89 -0.06
CA ALA A 165 -8.44 1.06 0.09
C ALA A 165 -8.61 0.33 -1.24
N SER A 166 -9.16 -0.87 -1.19
CA SER A 166 -9.60 -1.51 -2.45
C SER A 166 -10.74 -0.64 -3.04
N SER A 167 -10.76 -0.43 -4.35
CA SER A 167 -11.70 0.52 -4.94
C SER A 167 -12.11 0.17 -6.36
N LEU A 168 -13.23 0.76 -6.79
CA LEU A 168 -13.83 0.57 -8.10
C LEU A 168 -13.68 1.86 -8.86
N ALA A 169 -13.16 1.79 -10.07
CA ALA A 169 -13.09 3.02 -10.87
C ALA A 169 -13.99 2.88 -12.07
N GLU A 170 -14.10 3.93 -12.87
CA GLU A 170 -14.90 3.86 -14.11
C GLU A 170 -14.50 2.74 -15.04
N ASN A 171 -15.50 2.27 -15.76
CA ASN A 171 -15.33 1.20 -16.69
C ASN A 171 -15.07 -0.07 -15.88
N ASN A 172 -15.55 -0.08 -14.64
CA ASN A 172 -15.63 -1.31 -13.84
C ASN A 172 -14.26 -1.98 -13.64
N VAL A 173 -13.29 -1.12 -13.33
CA VAL A 173 -11.93 -1.55 -13.03
C VAL A 173 -11.70 -1.55 -11.52
N VAL A 174 -11.45 -2.74 -10.97
CA VAL A 174 -11.23 -2.88 -9.56
C VAL A 174 -9.74 -2.96 -9.26
N THR A 175 -9.32 -2.06 -8.36
CA THR A 175 -7.97 -2.06 -7.74
C THR A 175 -8.03 -2.64 -6.34
N CYS A 176 -7.47 -3.84 -6.19
CA CYS A 176 -7.49 -4.55 -4.91
C CYS A 176 -6.24 -4.18 -4.10
N ALA A 177 -6.43 -4.04 -2.80
CA ALA A 177 -5.34 -3.89 -1.84
C ALA A 177 -5.64 -4.79 -0.62
N TYR A 178 -4.72 -4.84 0.34
CA TYR A 178 -4.60 -5.96 1.27
C TYR A 178 -4.16 -5.48 2.65
N GLY A 179 -4.12 -4.16 2.84
CA GLY A 179 -3.82 -3.57 4.16
C GLY A 179 -4.84 -3.88 5.21
N LYS A 180 -4.44 -3.77 6.47
CA LYS A 180 -5.37 -3.84 7.61
C LYS A 180 -6.71 -3.10 7.41
N GLY A 181 -6.67 -1.91 6.85
CA GLY A 181 -7.85 -1.12 6.60
C GLY A 181 -8.39 -1.10 5.17
N SER A 182 -7.83 -1.92 4.27
CA SER A 182 -8.12 -1.85 2.84
C SER A 182 -9.46 -2.42 2.47
N ASN A 183 -9.99 -3.34 3.30
CA ASN A 183 -11.19 -4.10 2.90
C ASN A 183 -12.30 -4.15 3.95
N PRO A 184 -12.86 -2.98 4.32
CA PRO A 184 -13.91 -2.96 5.32
C PRO A 184 -15.16 -3.73 4.87
N ASN A 185 -15.40 -3.78 3.55
CA ASN A 185 -16.61 -4.34 2.93
C ASN A 185 -16.20 -4.85 1.56
N PRO A 186 -17.02 -5.73 0.98
CA PRO A 186 -16.80 -6.08 -0.42
C PRO A 186 -16.91 -4.86 -1.33
N VAL A 187 -16.16 -4.87 -2.42
CA VAL A 187 -16.31 -3.89 -3.48
C VAL A 187 -17.50 -4.37 -4.32
N GLU A 188 -18.58 -3.58 -4.37
CA GLU A 188 -19.75 -3.91 -5.18
C GLU A 188 -19.69 -3.32 -6.58
N VAL A 189 -19.94 -4.18 -7.56
CA VAL A 189 -19.81 -3.88 -8.97
C VAL A 189 -21.07 -4.33 -9.69
N GLU A 190 -21.61 -3.48 -10.55
CA GLU A 190 -22.74 -3.88 -11.37
C GLU A 190 -22.28 -4.22 -12.76
N MET A 191 -22.84 -5.29 -13.33
CA MET A 191 -22.66 -5.51 -14.76
C MET A 191 -24.04 -5.55 -15.39
N SER A 192 -24.11 -5.13 -16.62
CA SER A 192 -25.41 -5.02 -17.33
C SER A 192 -25.03 -4.80 -18.78
N THR A 193 -26.01 -4.69 -19.65
CA THR A 193 -25.76 -4.47 -21.05
C THR A 193 -24.74 -3.37 -21.32
N GLU A 194 -24.92 -2.18 -20.74
CA GLU A 194 -24.03 -1.04 -20.97
C GLU A 194 -22.70 -1.13 -20.24
N LYS A 195 -22.67 -1.96 -19.21
CA LYS A 195 -21.46 -2.14 -18.39
C LYS A 195 -21.13 -3.60 -18.36
N ASN A 196 -20.71 -4.15 -19.50
CA ASN A 196 -20.62 -5.59 -19.68
C ASN A 196 -19.21 -6.12 -19.44
N THR A 197 -18.32 -5.29 -18.89
CA THR A 197 -16.97 -5.75 -18.54
C THR A 197 -16.64 -5.65 -17.03
N LEU A 198 -15.64 -6.40 -16.61
CA LEU A 198 -15.14 -6.35 -15.26
C LEU A 198 -13.64 -6.59 -15.33
N THR A 199 -12.84 -5.68 -14.78
CA THR A 199 -11.39 -5.87 -14.68
C THR A 199 -11.02 -5.93 -13.22
N ILE A 200 -10.26 -6.96 -12.88
CA ILE A 200 -9.71 -7.10 -11.55
C ILE A 200 -8.20 -7.01 -11.61
N ASN A 201 -7.67 -6.00 -10.94
CA ASN A 201 -6.22 -5.85 -10.81
C ASN A 201 -5.78 -6.22 -9.39
N CYS A 202 -5.09 -7.38 -9.26
CA CYS A 202 -4.58 -7.76 -7.95
C CYS A 202 -3.20 -7.12 -7.61
N GLY A 203 -2.46 -6.65 -8.62
CA GLY A 203 -1.12 -6.05 -8.32
C GLY A 203 -0.18 -7.22 -8.02
N SER A 204 1.09 -6.92 -7.74
CA SER A 204 2.03 -8.01 -7.61
C SER A 204 1.92 -8.64 -6.23
N ASP A 205 1.16 -8.02 -5.32
CA ASP A 205 1.00 -8.55 -3.94
C ASP A 205 -0.18 -9.51 -3.79
N GLY A 206 -0.91 -9.74 -4.87
CA GLY A 206 -2.13 -10.52 -4.75
C GLY A 206 -2.30 -11.53 -5.83
N SER A 207 -3.31 -12.37 -5.65
CA SER A 207 -3.58 -13.49 -6.58
C SER A 207 -5.05 -13.52 -6.82
N LEU A 208 -5.45 -13.71 -8.07
CA LEU A 208 -6.86 -13.85 -8.43
C LEU A 208 -7.51 -15.04 -7.77
N GLN A 209 -8.72 -14.81 -7.26
CA GLN A 209 -9.50 -15.82 -6.61
C GLN A 209 -10.95 -15.89 -7.21
N PRO A 210 -11.45 -17.12 -7.51
CA PRO A 210 -10.73 -18.41 -7.31
C PRO A 210 -9.63 -18.56 -8.33
N THR A 211 -8.69 -19.49 -8.07
CA THR A 211 -7.58 -19.70 -8.99
C THR A 211 -8.11 -20.10 -10.40
N THR A 212 -9.31 -20.71 -10.37
CA THR A 212 -10.05 -21.23 -11.53
C THR A 212 -11.04 -20.21 -12.16
N TYR A 213 -10.73 -18.91 -11.99
CA TYR A 213 -11.68 -17.84 -12.33
C TYR A 213 -12.10 -17.91 -13.79
N ALA A 214 -11.24 -18.45 -14.67
CA ALA A 214 -11.56 -18.51 -16.12
C ALA A 214 -12.77 -19.39 -16.40
N GLU A 215 -13.13 -20.26 -15.45
CA GLU A 215 -14.34 -21.11 -15.56
C GLU A 215 -15.30 -21.02 -14.39
N GLU A 216 -14.82 -20.59 -13.22
CA GLU A 216 -15.55 -20.65 -11.96
C GLU A 216 -15.62 -19.34 -11.18
N TYR A 217 -16.62 -19.24 -10.29
CA TYR A 217 -16.65 -18.15 -9.34
C TYR A 217 -16.85 -18.67 -7.93
N CYS A 218 -16.78 -17.79 -6.93
CA CYS A 218 -17.15 -18.14 -5.56
C CYS A 218 -18.64 -17.85 -5.39
N VAL A 219 -19.40 -18.82 -4.87
CA VAL A 219 -20.79 -18.51 -4.50
C VAL A 219 -20.88 -17.21 -3.68
N ALA A 220 -21.82 -16.34 -4.06
CA ALA A 220 -21.83 -14.99 -3.54
C ALA A 220 -22.31 -14.92 -2.09
N ASP A 221 -23.01 -15.97 -1.60
CA ASP A 221 -23.62 -15.96 -0.21
C ASP A 221 -22.61 -15.68 0.91
N SER A 222 -21.38 -16.16 0.75
CA SER A 222 -20.36 -15.93 1.78
C SER A 222 -19.96 -14.45 1.94
N LYS A 223 -20.16 -13.65 0.88
CA LYS A 223 -19.66 -12.24 0.86
C LYS A 223 -18.18 -12.06 1.27
N ASP A 224 -17.37 -13.11 1.03
CA ASP A 224 -16.00 -13.07 1.50
C ASP A 224 -15.22 -13.97 0.59
N VAL A 225 -14.31 -13.38 -0.16
CA VAL A 225 -13.46 -14.20 -1.05
C VAL A 225 -12.61 -15.27 -0.29
N ASN A 226 -12.36 -15.05 1.00
CA ASN A 226 -11.63 -16.02 1.81
C ASN A 226 -12.45 -17.28 2.10
N ARG A 227 -13.77 -17.21 1.95
CA ARG A 227 -14.67 -18.39 2.02
C ARG A 227 -15.30 -18.64 0.65
N CYS A 228 -14.51 -19.23 -0.23
CA CYS A 228 -14.85 -19.37 -1.63
C CYS A 228 -15.33 -20.80 -1.97
N SER A 229 -16.62 -21.00 -2.23
CA SER A 229 -17.10 -22.28 -2.76
C SER A 229 -17.25 -22.13 -4.23
N THR A 230 -16.47 -22.87 -5.01
CA THR A 230 -16.45 -22.68 -6.46
C THR A 230 -17.68 -23.25 -7.15
N THR A 231 -18.14 -22.53 -8.17
CA THR A 231 -19.26 -22.97 -9.00
C THR A 231 -18.98 -22.50 -10.38
N ARG A 232 -19.43 -23.27 -11.37
CA ARG A 232 -19.14 -22.96 -12.75
C ARG A 232 -19.97 -21.74 -13.26
N PHE A 233 -19.30 -20.82 -13.97
CA PHE A 233 -19.94 -19.67 -14.59
C PHE A 233 -21.10 -20.04 -15.53
N VAL A 234 -20.97 -21.13 -16.29
CA VAL A 234 -22.10 -21.60 -17.16
C VAL A 234 -23.40 -21.77 -16.40
N GLU A 235 -23.34 -22.03 -15.10
CA GLU A 235 -24.57 -22.25 -14.32
C GLU A 235 -25.44 -21.00 -14.18
N ILE A 236 -24.83 -19.83 -14.36
CA ILE A 236 -25.53 -18.53 -14.28
C ILE A 236 -25.56 -17.80 -15.62
N PHE A 237 -24.58 -18.08 -16.47
CA PHE A 237 -24.50 -17.55 -17.83
C PHE A 237 -24.46 -18.75 -18.79
N PRO A 238 -25.65 -19.25 -19.18
CA PRO A 238 -25.72 -20.44 -20.05
C PRO A 238 -24.82 -20.40 -21.30
N LYS A 239 -24.62 -19.21 -21.88
CA LYS A 239 -23.77 -19.02 -23.08
C LYS A 239 -22.24 -18.82 -22.81
N PHE A 240 -21.86 -18.89 -21.53
CA PHE A 240 -20.48 -18.66 -21.10
C PHE A 240 -19.45 -19.45 -21.93
N LEU A 241 -18.34 -18.80 -22.28
CA LEU A 241 -17.17 -19.47 -22.82
C LEU A 241 -15.95 -18.97 -22.04
N LYS A 242 -14.92 -19.80 -21.92
CA LYS A 242 -13.64 -19.42 -21.29
C LYS A 242 -13.06 -18.17 -21.92
N SER A 243 -13.32 -17.95 -23.21
CA SER A 243 -12.75 -16.79 -23.90
C SER A 243 -13.31 -15.46 -23.40
N TRP A 244 -14.41 -15.52 -22.64
CA TRP A 244 -14.97 -14.30 -22.02
C TRP A 244 -13.96 -13.66 -21.03
N TRP A 245 -13.06 -14.47 -20.49
CA TRP A 245 -11.96 -13.94 -19.67
C TRP A 245 -10.69 -13.83 -20.47
N VAL A 246 -10.05 -12.68 -20.39
CA VAL A 246 -8.67 -12.52 -20.85
C VAL A 246 -7.72 -12.01 -19.74
N THR A 247 -6.66 -12.77 -19.54
CA THR A 247 -5.68 -12.53 -18.49
C THR A 247 -4.46 -11.86 -19.10
N GLU A 248 -4.01 -10.83 -18.39
CA GLU A 248 -2.78 -10.17 -18.69
C GLU A 248 -1.65 -11.24 -18.62
N THR A 249 -0.98 -11.46 -19.75
CA THR A 249 -0.13 -12.66 -19.97
C THR A 249 1.28 -12.63 -19.30
N GLN A 250 1.97 -11.52 -19.43
CA GLN A 250 3.07 -11.27 -18.55
C GLN A 250 2.61 -10.99 -17.12
N LYS A 251 1.40 -10.47 -16.97
CA LYS A 251 0.82 -10.20 -15.65
C LYS A 251 -0.36 -11.10 -15.32
N ARG A 252 -0.13 -12.23 -14.70
CA ARG A 252 -1.31 -13.04 -14.51
C ARG A 252 -2.12 -12.62 -13.28
N THR A 253 -1.87 -11.41 -12.79
CA THR A 253 -2.49 -10.86 -11.57
C THR A 253 -3.62 -9.87 -11.94
N SER A 254 -3.83 -9.63 -13.24
CA SER A 254 -5.01 -8.89 -13.74
C SER A 254 -5.76 -9.75 -14.74
N ALA A 255 -7.09 -9.70 -14.69
CA ALA A 255 -7.93 -10.32 -15.74
C ALA A 255 -9.23 -9.50 -15.97
N THR A 256 -9.75 -9.61 -17.19
CA THR A 256 -10.93 -8.86 -17.58
C THR A 256 -11.98 -9.80 -18.12
N LEU A 257 -13.15 -9.76 -17.52
CA LEU A 257 -14.31 -10.50 -18.03
C LEU A 257 -15.14 -9.56 -18.93
N THR A 258 -15.49 -10.03 -20.13
CA THR A 258 -16.38 -9.31 -21.06
C THR A 258 -17.50 -10.25 -21.39
N ILE A 259 -18.71 -9.92 -20.91
CA ILE A 259 -19.89 -10.68 -21.26
C ILE A 259 -20.43 -10.06 -22.54
N PRO A 260 -20.45 -10.81 -23.68
CA PRO A 260 -21.00 -10.23 -24.92
C PRO A 260 -22.41 -9.65 -24.68
N GLN A 261 -22.70 -8.49 -25.25
CA GLN A 261 -23.88 -7.75 -24.77
C GLN A 261 -25.21 -8.46 -24.94
N THR A 262 -25.31 -9.35 -25.91
CA THR A 262 -26.50 -10.15 -26.13
C THR A 262 -26.55 -11.44 -25.29
N ASP A 263 -25.53 -11.66 -24.47
CA ASP A 263 -25.37 -12.93 -23.72
C ASP A 263 -25.56 -12.80 -22.19
N LEU A 264 -26.05 -11.64 -21.75
CA LEU A 264 -26.41 -11.38 -20.36
C LEU A 264 -27.59 -12.28 -20.00
N PRO A 265 -27.62 -12.75 -18.72
CA PRO A 265 -28.70 -13.66 -18.28
C PRO A 265 -30.08 -12.97 -18.29
N GLU A 266 -31.13 -13.79 -18.32
CA GLU A 266 -32.49 -13.31 -18.39
C GLU A 266 -33.03 -12.95 -17.03
N ALA A 267 -32.27 -13.27 -15.98
CA ALA A 267 -32.57 -12.87 -14.63
C ALA A 267 -31.29 -12.40 -13.95
N ASP A 268 -31.43 -11.57 -12.93
CA ASP A 268 -30.28 -10.98 -12.18
C ASP A 268 -29.53 -12.16 -11.56
N GLN A 269 -28.20 -12.13 -11.61
CA GLN A 269 -27.37 -13.16 -10.99
C GLN A 269 -26.30 -12.42 -10.14
N GLN A 270 -25.65 -13.11 -9.23
CA GLN A 270 -24.58 -12.45 -8.46
C GLN A 270 -23.50 -13.47 -8.38
N PHE A 271 -22.26 -12.98 -8.45
CA PHE A 271 -21.11 -13.87 -8.31
C PHE A 271 -20.03 -13.10 -7.56
N LEU A 272 -19.06 -13.85 -7.01
CA LEU A 272 -17.98 -13.23 -6.27
C LEU A 272 -16.64 -13.72 -6.81
N VAL A 273 -15.72 -12.78 -7.03
CA VAL A 273 -14.33 -13.09 -7.24
C VAL A 273 -13.51 -12.05 -6.45
N GLY A 274 -12.19 -12.11 -6.56
CA GLY A 274 -11.36 -11.12 -5.93
C GLY A 274 -9.90 -11.47 -5.95
N CYS A 275 -9.21 -10.93 -4.94
CA CYS A 275 -7.77 -11.05 -4.81
C CYS A 275 -7.42 -11.39 -3.38
N VAL A 276 -6.58 -12.42 -3.23
CA VAL A 276 -6.03 -12.77 -1.91
C VAL A 276 -4.54 -12.48 -1.88
N PRO A 277 -3.99 -12.14 -0.68
CA PRO A 277 -2.54 -11.88 -0.62
C PRO A 277 -1.78 -13.11 -1.11
N LYS A 278 -0.76 -12.89 -1.92
CA LYS A 278 -0.17 -14.00 -2.66
C LYS A 278 0.48 -15.05 -1.77
N LYS A 279 0.28 -16.31 -2.14
CA LYS A 279 0.84 -17.44 -1.40
C LYS A 279 2.34 -17.27 -1.50
N THR A 280 2.94 -17.09 -0.34
CA THR A 280 4.24 -16.47 -0.24
C THR A 280 5.39 -17.47 -0.07
N ALA A 296 1.56 -6.76 6.88
CA ALA A 296 1.39 -5.78 5.82
C ALA A 296 0.15 -6.12 4.95
N ALA A 297 -0.06 -7.43 4.77
CA ALA A 297 -1.12 -7.93 3.88
C ALA A 297 -2.15 -8.80 4.63
N PRO A 298 -2.77 -8.26 5.69
CA PRO A 298 -3.61 -9.21 6.35
C PRO A 298 -4.97 -9.43 5.66
N THR A 299 -5.49 -8.48 4.86
CA THR A 299 -6.86 -8.67 4.39
C THR A 299 -6.99 -9.07 2.92
N SER A 300 -8.15 -9.60 2.55
CA SER A 300 -8.44 -9.94 1.15
C SER A 300 -9.47 -9.00 0.53
N CYS A 301 -9.43 -8.94 -0.79
CA CYS A 301 -10.29 -8.08 -1.57
C CYS A 301 -11.43 -8.88 -2.20
N THR A 302 -12.68 -8.59 -1.77
CA THR A 302 -13.81 -9.33 -2.25
C THR A 302 -14.57 -8.45 -3.22
N VAL A 303 -14.85 -8.98 -4.41
CA VAL A 303 -15.58 -8.21 -5.38
C VAL A 303 -16.92 -8.92 -5.56
N LEU A 304 -17.99 -8.25 -5.09
CA LEU A 304 -19.35 -8.76 -5.21
C LEU A 304 -20.03 -8.18 -6.41
N VAL A 305 -20.24 -9.03 -7.40
CA VAL A 305 -20.78 -8.58 -8.67
C VAL A 305 -22.28 -8.93 -8.76
N THR A 306 -23.07 -7.92 -9.09
CA THR A 306 -24.44 -8.11 -9.37
C THR A 306 -24.65 -7.92 -10.87
N VAL A 307 -25.06 -8.97 -11.54
CA VAL A 307 -25.34 -8.91 -12.96
C VAL A 307 -26.84 -8.57 -13.14
N LYS A 308 -27.10 -7.37 -13.66
CA LYS A 308 -28.50 -6.88 -13.72
C LYS A 308 -29.04 -7.23 -15.12
N ALA A 309 -30.06 -8.10 -15.12
CA ALA A 309 -30.81 -8.40 -16.32
C ALA A 309 -31.74 -7.19 -16.61
N HIS A 310 -31.86 -6.91 -17.90
CA HIS A 310 -32.81 -5.92 -18.44
C HIS A 310 -32.65 -4.55 -17.83
N HIS A 311 -31.41 -4.09 -17.84
CA HIS A 311 -31.06 -2.91 -17.12
C HIS A 311 -30.33 -1.96 -18.08
N HIS A 312 -30.74 -0.71 -18.02
CA HIS A 312 -30.12 0.38 -18.75
C HIS A 312 -29.62 1.35 -17.74
N HIS A 313 -28.34 1.29 -17.52
CA HIS A 313 -27.75 2.02 -16.44
C HIS A 313 -27.84 3.53 -16.70
N HIS A 314 -27.49 3.96 -17.90
CA HIS A 314 -27.56 5.39 -18.22
C HIS A 314 -28.91 5.92 -18.72
N HIS A 315 -29.90 5.05 -18.94
CA HIS A 315 -31.17 5.44 -19.55
C HIS A 315 -32.38 4.85 -18.81
#